data_5OW7
#
_entry.id   5OW7
#
_cell.length_a   65.699
_cell.length_b   65.699
_cell.length_c   262.259
_cell.angle_alpha   90.00
_cell.angle_beta   90.00
_cell.angle_gamma   120.00
#
_symmetry.space_group_name_H-M   'P 65 2 2'
#
loop_
_entity.id
_entity.type
_entity.pdbx_description
1 polymer 'Vitamin D3 receptor A'
2 polymer 'Nuclear receptor coactivator 1'
3 non-polymer (3~{S})-3-[(1~{S},3~{a}~{S},4~{E},7~{a}~{S})-7~{a}-methyl-4-[(2~{Z})-2-[(5~{S})-2-methylidene-5-oxidanyl-cyclohexylidene]ethylidene]-2,3,3~{a},5,6,7-hexahydro-1~{H}-inden-1-yl]-3-oxidanyl-~{N}-propan-2-yl-butanamide
4 water water
#
loop_
_entity_poly.entity_id
_entity_poly.type
_entity_poly.pdbx_seq_one_letter_code
_entity_poly.pdbx_strand_id
1 'polypeptide(L)'
;GSHMLSDEQMQIINSLVEAHHKTYDDSYSDFVRFRPPVREGPVTRSASRAASLHSLSDASSDSFNHSPESVDTKLNFSNL
LMMYQDSGSPDSSEEDQQSRLSMLPHLADLVSYSIQKVIGFAKMIPGFRDLTAEDQIALLKSSAIEIIMLRSNQSFSLED
MSWSCGGPDFKYCINDVTKAGHTLELLEPLVKFQVGLKKLKLHEEEHVLLMAICLLSPDRPGVQDHVRIEALQDRLCDVL
QAYIRIQHPGGRLLYAKMIQKLADLRSLNEEHSKQYRSLSFQPEHSMQLTPLVLEVFGSEVS
;
A
2 'polypeptide(L)' RHKILHRLLQEGSPS B
#
# COMPACT_ATOMS: atom_id res chain seq x y z
N HIS A 3 14.77 -8.56 26.97
CA HIS A 3 14.10 -9.63 26.22
C HIS A 3 14.73 -9.93 24.85
N MET A 4 14.32 -11.06 24.25
CA MET A 4 14.82 -11.60 22.99
C MET A 4 13.60 -12.07 22.13
N LEU A 5 13.66 -11.91 20.79
CA LEU A 5 12.53 -12.39 20.00
C LEU A 5 12.73 -13.88 19.63
N SER A 6 11.63 -14.64 19.53
CA SER A 6 11.70 -16.08 19.31
C SER A 6 12.01 -16.49 17.88
N ASP A 7 12.23 -17.80 17.67
CA ASP A 7 12.45 -18.36 16.34
C ASP A 7 11.26 -18.16 15.41
N GLU A 8 10.02 -18.30 15.93
CA GLU A 8 8.79 -18.13 15.15
C GLU A 8 8.66 -16.68 14.63
N GLN A 9 8.92 -15.69 15.53
CA GLN A 9 8.91 -14.26 15.24
C GLN A 9 10.01 -13.88 14.25
N MET A 10 11.18 -14.56 14.33
CA MET A 10 12.31 -14.35 13.45
C MET A 10 11.93 -14.86 12.05
N GLN A 11 11.28 -16.04 11.99
CA GLN A 11 10.85 -16.61 10.70
C GLN A 11 9.81 -15.72 10.01
N ILE A 12 8.90 -15.13 10.78
CA ILE A 12 7.88 -14.20 10.25
C ILE A 12 8.59 -13.00 9.61
N ILE A 13 9.56 -12.43 10.33
CA ILE A 13 10.31 -11.30 9.83
C ILE A 13 10.98 -11.65 8.50
N ASN A 14 11.72 -12.78 8.45
CA ASN A 14 12.43 -13.22 7.24
C ASN A 14 11.48 -13.38 6.06
N SER A 15 10.31 -14.03 6.29
CA SER A 15 9.31 -14.25 5.25
C SER A 15 8.79 -12.93 4.70
N LEU A 16 8.49 -11.96 5.59
CA LEU A 16 7.97 -10.66 5.15
C LEU A 16 9.01 -9.81 4.41
N VAL A 17 10.29 -9.78 4.86
CA VAL A 17 11.27 -8.94 4.14
C VAL A 17 11.57 -9.59 2.76
N GLU A 18 11.68 -10.94 2.67
CA GLU A 18 11.86 -11.66 1.41
C GLU A 18 10.69 -11.32 0.45
N ALA A 19 9.44 -11.37 0.97
CA ALA A 19 8.23 -11.04 0.23
C ALA A 19 8.33 -9.64 -0.39
N HIS A 20 8.76 -8.65 0.41
CA HIS A 20 8.94 -7.27 -0.06
C HIS A 20 10.02 -7.19 -1.12
N HIS A 21 11.20 -7.81 -0.91
CA HIS A 21 12.28 -7.74 -1.90
C HIS A 21 11.86 -8.37 -3.24
N LYS A 22 11.03 -9.43 -3.19
CA LYS A 22 10.52 -10.08 -4.39
C LYS A 22 9.48 -9.22 -5.13
N THR A 23 8.82 -8.28 -4.44
CA THR A 23 7.73 -7.50 -5.07
C THR A 23 8.03 -6.01 -5.24
N TYR A 24 9.07 -5.47 -4.59
CA TYR A 24 9.39 -4.07 -4.77
C TYR A 24 10.68 -4.00 -5.56
N ASP A 25 10.60 -3.45 -6.78
CA ASP A 25 11.72 -3.33 -7.68
C ASP A 25 12.38 -1.97 -7.52
N ASP A 26 13.50 -1.93 -6.81
CA ASP A 26 14.32 -0.75 -6.54
C ASP A 26 14.90 -0.08 -7.76
N SER A 27 14.92 -0.77 -8.91
CA SER A 27 15.41 -0.20 -10.18
C SER A 27 14.32 0.56 -10.95
N TYR A 28 13.02 0.35 -10.59
CA TYR A 28 11.84 0.95 -11.27
C TYR A 28 11.88 0.72 -12.80
N SER A 29 12.48 -0.41 -13.22
CA SER A 29 12.75 -0.69 -14.63
C SER A 29 11.49 -0.96 -15.46
N ASP A 30 10.36 -1.37 -14.82
CA ASP A 30 9.12 -1.59 -15.57
C ASP A 30 8.37 -0.29 -15.89
N PHE A 31 8.77 0.85 -15.30
CA PHE A 31 8.09 2.15 -15.47
C PHE A 31 8.12 2.66 -16.94
N VAL A 32 9.14 2.22 -17.71
CA VAL A 32 9.27 2.56 -19.13
C VAL A 32 8.12 1.91 -19.94
N ARG A 33 7.48 0.87 -19.39
CA ARG A 33 6.37 0.17 -20.08
C ARG A 33 5.02 0.83 -19.88
N PHE A 34 4.90 1.78 -18.98
CA PHE A 34 3.61 2.46 -18.74
C PHE A 34 3.36 3.48 -19.83
N ARG A 35 2.11 3.96 -19.95
CA ARG A 35 1.81 5.06 -20.86
C ARG A 35 2.69 6.23 -20.38
N PRO A 36 3.40 6.93 -21.26
CA PRO A 36 4.36 7.93 -20.77
C PRO A 36 3.76 9.08 -19.97
N PRO A 37 4.54 9.66 -19.02
CA PRO A 37 4.05 10.83 -18.30
C PRO A 37 3.99 12.02 -19.26
N VAL A 38 3.00 12.90 -19.07
CA VAL A 38 2.87 14.12 -19.88
C VAL A 38 2.68 15.26 -18.89
N ARG A 39 3.59 16.22 -18.91
CA ARG A 39 3.57 17.39 -18.03
C ARG A 39 3.59 18.66 -18.86
N ARG A 100 -5.94 18.70 -20.36
CA ARG A 100 -6.78 18.15 -19.31
C ARG A 100 -6.26 16.75 -18.94
N LEU A 101 -6.08 16.50 -17.62
CA LEU A 101 -5.60 15.27 -16.94
C LEU A 101 -4.48 14.51 -17.68
N SER A 102 -3.43 15.25 -18.04
CA SER A 102 -2.30 14.74 -18.80
C SER A 102 -1.50 13.61 -18.10
N MET A 103 -1.49 13.59 -16.76
CA MET A 103 -0.78 12.57 -15.96
C MET A 103 -1.61 11.35 -15.63
N LEU A 104 -2.92 11.38 -15.94
CA LEU A 104 -3.81 10.25 -15.62
C LEU A 104 -3.37 8.91 -16.28
N PRO A 105 -3.08 8.83 -17.61
CA PRO A 105 -2.66 7.54 -18.18
C PRO A 105 -1.46 6.92 -17.44
N HIS A 106 -0.40 7.71 -17.22
CA HIS A 106 0.79 7.21 -16.56
C HIS A 106 0.54 6.79 -15.13
N LEU A 107 -0.17 7.63 -14.33
CA LEU A 107 -0.41 7.33 -12.91
C LEU A 107 -1.41 6.16 -12.71
N ALA A 108 -2.36 5.97 -13.64
CA ALA A 108 -3.27 4.81 -13.65
C ALA A 108 -2.43 3.55 -13.90
N ASP A 109 -1.45 3.61 -14.83
CA ASP A 109 -0.58 2.44 -15.08
C ASP A 109 0.33 2.19 -13.90
N LEU A 110 0.85 3.24 -13.29
CA LEU A 110 1.65 3.07 -12.09
C LEU A 110 0.84 2.39 -10.94
N VAL A 111 -0.37 2.88 -10.64
CA VAL A 111 -1.20 2.29 -9.59
C VAL A 111 -1.58 0.85 -9.93
N SER A 112 -1.90 0.56 -11.24
CA SER A 112 -2.26 -0.78 -11.65
C SER A 112 -1.11 -1.76 -11.40
N TYR A 113 0.10 -1.31 -11.74
CA TYR A 113 1.33 -2.09 -11.54
C TYR A 113 1.54 -2.32 -10.05
N SER A 114 1.31 -1.28 -9.24
CA SER A 114 1.55 -1.34 -7.79
C SER A 114 0.54 -2.29 -7.10
N ILE A 115 -0.71 -2.33 -7.60
CA ILE A 115 -1.75 -3.26 -7.12
C ILE A 115 -1.25 -4.67 -7.34
N GLN A 116 -0.68 -4.99 -8.51
CA GLN A 116 -0.15 -6.31 -8.81
C GLN A 116 0.92 -6.72 -7.81
N LYS A 117 1.79 -5.77 -7.42
CA LYS A 117 2.87 -6.01 -6.46
C LYS A 117 2.34 -6.25 -5.05
N VAL A 118 1.28 -5.51 -4.66
CA VAL A 118 0.59 -5.61 -3.36
C VAL A 118 -0.07 -6.97 -3.26
N ILE A 119 -0.65 -7.45 -4.36
CA ILE A 119 -1.23 -8.79 -4.41
C ILE A 119 -0.18 -9.85 -4.19
N GLY A 120 0.94 -9.74 -4.92
CA GLY A 120 2.08 -10.64 -4.83
C GLY A 120 2.60 -10.68 -3.40
N PHE A 121 2.82 -9.50 -2.80
CA PHE A 121 3.26 -9.33 -1.40
C PHE A 121 2.29 -10.07 -0.42
N ALA A 122 0.97 -9.77 -0.51
CA ALA A 122 -0.07 -10.36 0.32
C ALA A 122 -0.05 -11.89 0.28
N LYS A 123 0.15 -12.49 -0.93
CA LYS A 123 0.18 -13.95 -1.10
C LYS A 123 1.29 -14.63 -0.31
N MET A 124 2.35 -13.87 0.00
CA MET A 124 3.52 -14.35 0.74
C MET A 124 3.46 -14.07 2.26
N ILE A 125 2.46 -13.32 2.73
CA ILE A 125 2.27 -13.04 4.16
C ILE A 125 1.81 -14.37 4.80
N PRO A 126 2.51 -14.89 5.86
CA PRO A 126 2.06 -16.17 6.47
C PRO A 126 0.60 -16.17 6.91
N GLY A 127 -0.21 -17.08 6.33
CA GLY A 127 -1.61 -17.23 6.67
C GLY A 127 -2.62 -16.56 5.76
N PHE A 128 -2.19 -15.58 4.93
CA PHE A 128 -3.09 -14.89 4.00
C PHE A 128 -3.66 -15.86 2.94
N ARG A 129 -2.82 -16.76 2.38
CA ARG A 129 -3.26 -17.73 1.38
C ARG A 129 -4.26 -18.73 1.93
N ASP A 130 -4.22 -18.98 3.26
CA ASP A 130 -5.14 -19.90 3.94
C ASP A 130 -6.56 -19.33 4.11
N LEU A 131 -6.73 -18.02 3.90
CA LEU A 131 -8.04 -17.35 4.01
C LEU A 131 -8.82 -17.68 2.76
N THR A 132 -10.16 -17.55 2.84
CA THR A 132 -11.01 -17.79 1.67
C THR A 132 -10.68 -16.71 0.65
N ALA A 133 -10.92 -17.00 -0.64
CA ALA A 133 -10.73 -16.05 -1.74
C ALA A 133 -11.56 -14.76 -1.45
N GLU A 134 -12.76 -14.92 -0.86
CA GLU A 134 -13.64 -13.80 -0.51
C GLU A 134 -12.99 -12.89 0.54
N ASP A 135 -12.36 -13.49 1.59
CA ASP A 135 -11.68 -12.69 2.61
C ASP A 135 -10.43 -12.06 2.04
N GLN A 136 -9.67 -12.78 1.21
CA GLN A 136 -8.48 -12.19 0.56
C GLN A 136 -8.93 -10.99 -0.29
N ILE A 137 -10.03 -11.12 -1.05
CA ILE A 137 -10.54 -10.03 -1.89
C ILE A 137 -11.03 -8.85 -1.03
N ALA A 138 -11.79 -9.11 0.03
CA ALA A 138 -12.28 -8.04 0.91
C ALA A 138 -11.09 -7.25 1.52
N LEU A 139 -10.04 -7.98 1.99
CA LEU A 139 -8.85 -7.35 2.56
C LEU A 139 -8.10 -6.48 1.53
N LEU A 140 -7.90 -6.98 0.29
CA LEU A 140 -7.18 -6.22 -0.72
C LEU A 140 -7.92 -5.00 -1.24
N LYS A 141 -9.24 -5.10 -1.45
CA LYS A 141 -10.05 -3.97 -1.93
C LYS A 141 -10.06 -2.82 -0.95
N SER A 142 -10.19 -3.11 0.35
CA SER A 142 -10.13 -2.06 1.37
C SER A 142 -8.76 -1.52 1.65
N SER A 143 -7.72 -2.38 1.64
CA SER A 143 -6.40 -1.94 2.04
C SER A 143 -5.41 -1.55 0.94
N ALA A 144 -5.66 -1.93 -0.34
CA ALA A 144 -4.74 -1.70 -1.45
C ALA A 144 -4.17 -0.31 -1.54
N ILE A 145 -5.03 0.71 -1.49
CA ILE A 145 -4.56 2.10 -1.58
C ILE A 145 -3.71 2.48 -0.37
N GLU A 146 -4.02 1.92 0.81
CA GLU A 146 -3.23 2.20 2.00
C GLU A 146 -1.86 1.54 1.88
N ILE A 147 -1.80 0.31 1.30
CA ILE A 147 -0.49 -0.37 1.11
C ILE A 147 0.31 0.37 0.03
N ILE A 148 -0.35 0.93 -1.00
CA ILE A 148 0.33 1.68 -2.06
C ILE A 148 0.98 2.94 -1.44
N MET A 149 0.23 3.66 -0.58
CA MET A 149 0.73 4.85 0.09
C MET A 149 1.92 4.53 0.99
N LEU A 150 1.89 3.36 1.65
CA LEU A 150 3.00 2.91 2.51
C LEU A 150 4.23 2.51 1.69
N ARG A 151 4.08 1.61 0.70
N ARG A 151 4.02 1.65 0.67
CA ARG A 151 5.26 1.20 -0.09
CA ARG A 151 5.04 1.12 -0.26
C ARG A 151 5.86 2.35 -0.87
C ARG A 151 5.78 2.29 -0.94
N SER A 152 5.03 3.36 -1.29
CA SER A 152 5.52 4.54 -2.02
C SER A 152 6.50 5.37 -1.19
N ASN A 153 6.48 5.20 0.13
CA ASN A 153 7.38 5.94 1.01
C ASN A 153 8.85 5.65 0.70
N GLN A 154 9.14 4.46 0.14
CA GLN A 154 10.50 4.04 -0.24
C GLN A 154 11.04 4.92 -1.37
N SER A 155 10.19 5.50 -2.25
CA SER A 155 10.71 6.38 -3.29
C SER A 155 10.59 7.87 -2.89
N PHE A 156 9.84 8.17 -1.81
CA PHE A 156 9.59 9.56 -1.40
C PHE A 156 10.86 10.25 -0.92
N SER A 157 11.14 11.45 -1.46
CA SER A 157 12.30 12.23 -1.06
C SER A 157 11.89 13.49 -0.32
N LEU A 158 12.48 13.68 0.86
CA LEU A 158 12.32 14.84 1.72
C LEU A 158 12.91 16.10 1.04
N GLU A 159 14.06 15.98 0.34
CA GLU A 159 14.71 17.09 -0.38
C GLU A 159 13.82 17.68 -1.47
N ASP A 160 13.07 16.83 -2.20
CA ASP A 160 12.24 17.24 -3.33
C ASP A 160 10.72 17.29 -3.06
N MET A 161 10.25 16.66 -1.95
CA MET A 161 8.81 16.55 -1.61
C MET A 161 8.10 15.88 -2.79
N SER A 162 8.78 14.86 -3.32
CA SER A 162 8.30 14.16 -4.48
C SER A 162 8.72 12.70 -4.46
N TRP A 163 8.02 11.85 -5.21
CA TRP A 163 8.33 10.44 -5.30
C TRP A 163 9.32 10.32 -6.46
N SER A 164 10.59 9.95 -6.17
CA SER A 164 11.66 9.88 -7.18
C SER A 164 11.99 8.44 -7.56
N CYS A 165 11.51 8.04 -8.73
CA CYS A 165 11.67 6.67 -9.23
C CYS A 165 12.72 6.53 -10.32
N GLY A 166 13.92 7.02 -10.01
CA GLY A 166 15.05 6.96 -10.91
C GLY A 166 15.30 8.30 -11.57
N GLY A 167 14.82 8.45 -12.80
CA GLY A 167 15.02 9.65 -13.60
C GLY A 167 13.97 10.75 -13.44
N PRO A 168 14.20 11.91 -14.09
CA PRO A 168 13.23 13.02 -13.99
C PRO A 168 11.86 12.70 -14.58
N ASP A 169 11.79 11.79 -15.57
CA ASP A 169 10.52 11.35 -16.17
C ASP A 169 9.63 10.68 -15.11
N PHE A 170 10.25 9.92 -14.18
CA PHE A 170 9.54 9.19 -13.12
C PHE A 170 9.74 9.84 -11.74
N LYS A 171 9.82 11.18 -11.72
CA LYS A 171 9.87 11.96 -10.49
C LYS A 171 8.50 12.65 -10.43
N TYR A 172 7.69 12.31 -9.41
CA TYR A 172 6.32 12.84 -9.26
C TYR A 172 6.18 13.83 -8.11
N CYS A 173 5.83 15.06 -8.45
CA CYS A 173 5.62 16.11 -7.44
C CYS A 173 4.11 16.31 -7.27
N ILE A 174 3.72 17.13 -6.29
CA ILE A 174 2.32 17.46 -6.00
C ILE A 174 1.62 17.93 -7.30
N ASN A 175 2.26 18.84 -8.05
CA ASN A 175 1.69 19.36 -9.30
C ASN A 175 1.42 18.26 -10.34
N ASP A 176 2.32 17.26 -10.46
CA ASP A 176 2.14 16.13 -11.40
C ASP A 176 0.91 15.29 -11.02
N VAL A 177 0.69 15.05 -9.72
CA VAL A 177 -0.43 14.27 -9.20
C VAL A 177 -1.75 15.04 -9.40
N THR A 178 -1.75 16.38 -9.27
CA THR A 178 -2.99 17.15 -9.55
C THR A 178 -3.36 16.99 -11.05
N LYS A 179 -2.37 16.69 -11.92
CA LYS A 179 -2.60 16.46 -13.36
C LYS A 179 -3.23 15.06 -13.64
N ALA A 180 -3.55 14.29 -12.58
CA ALA A 180 -4.24 13.02 -12.69
C ALA A 180 -5.64 13.16 -12.10
N GLY A 181 -6.04 14.40 -11.78
CA GLY A 181 -7.36 14.73 -11.27
C GLY A 181 -7.55 14.89 -9.79
N HIS A 182 -6.50 14.70 -9.00
CA HIS A 182 -6.56 14.85 -7.55
C HIS A 182 -6.47 16.29 -7.11
N THR A 183 -7.15 16.64 -6.00
CA THR A 183 -7.09 17.99 -5.43
C THR A 183 -6.20 17.99 -4.19
N LEU A 184 -5.92 19.19 -3.65
CA LEU A 184 -5.12 19.37 -2.46
C LEU A 184 -5.75 18.76 -1.21
N GLU A 185 -7.10 18.52 -1.22
CA GLU A 185 -7.81 17.86 -0.11
C GLU A 185 -7.18 16.49 0.18
N LEU A 186 -6.66 15.80 -0.84
CA LEU A 186 -5.97 14.53 -0.65
C LEU A 186 -4.45 14.71 -0.66
N LEU A 187 -3.93 15.50 -1.60
CA LEU A 187 -2.49 15.62 -1.79
C LEU A 187 -1.76 16.27 -0.63
N GLU A 188 -2.37 17.27 0.06
CA GLU A 188 -1.78 17.92 1.26
C GLU A 188 -1.64 16.89 2.41
N PRO A 189 -2.70 16.16 2.87
CA PRO A 189 -2.48 15.13 3.91
C PRO A 189 -1.57 13.98 3.44
N LEU A 190 -1.59 13.64 2.12
CA LEU A 190 -0.75 12.57 1.59
C LEU A 190 0.74 12.90 1.72
N VAL A 191 1.13 14.13 1.36
CA VAL A 191 2.52 14.57 1.45
C VAL A 191 2.93 14.67 2.93
N LYS A 192 2.04 15.20 3.79
CA LYS A 192 2.27 15.34 5.24
C LYS A 192 2.52 13.95 5.86
N PHE A 193 1.71 12.94 5.44
CA PHE A 193 1.87 11.55 5.86
C PHE A 193 3.24 10.98 5.40
N GLN A 194 3.64 11.20 4.13
CA GLN A 194 4.91 10.72 3.56
C GLN A 194 6.12 11.30 4.32
N VAL A 195 6.06 12.61 4.62
CA VAL A 195 7.10 13.35 5.35
C VAL A 195 7.22 12.76 6.77
N GLY A 196 6.06 12.62 7.45
CA GLY A 196 5.95 12.08 8.80
C GLY A 196 6.47 10.66 8.90
N LEU A 197 6.07 9.77 7.94
CA LEU A 197 6.51 8.38 7.87
C LEU A 197 8.01 8.33 7.63
N LYS A 198 8.54 9.12 6.68
CA LYS A 198 9.95 9.13 6.33
C LYS A 198 10.82 9.51 7.52
N LYS A 199 10.36 10.48 8.34
CA LYS A 199 11.06 10.98 9.53
C LYS A 199 11.14 9.94 10.65
N LEU A 200 10.29 8.89 10.58
CA LEU A 200 10.32 7.80 11.57
C LEU A 200 11.57 6.93 11.39
N LYS A 201 12.20 6.97 10.20
CA LYS A 201 13.41 6.21 9.88
C LYS A 201 13.25 4.73 10.19
N LEU A 202 12.16 4.13 9.68
CA LEU A 202 11.83 2.73 9.89
C LEU A 202 12.86 1.78 9.31
N HIS A 203 13.21 0.76 10.09
CA HIS A 203 14.07 -0.33 9.63
C HIS A 203 13.19 -1.00 8.58
N GLU A 204 13.79 -1.70 7.62
CA GLU A 204 13.02 -2.40 6.57
C GLU A 204 12.06 -3.45 7.19
N GLU A 205 12.49 -4.10 8.31
CA GLU A 205 11.71 -5.08 9.07
C GLU A 205 10.41 -4.42 9.57
N GLU A 206 10.51 -3.17 10.03
CA GLU A 206 9.34 -2.44 10.56
C GLU A 206 8.41 -1.96 9.44
N HIS A 207 8.99 -1.50 8.33
CA HIS A 207 8.23 -1.05 7.15
C HIS A 207 7.38 -2.22 6.59
N VAL A 208 7.96 -3.42 6.47
CA VAL A 208 7.27 -4.60 5.93
C VAL A 208 6.21 -5.12 6.93
N LEU A 209 6.50 -5.10 8.25
CA LEU A 209 5.51 -5.50 9.26
C LEU A 209 4.32 -4.56 9.23
N LEU A 210 4.55 -3.23 9.09
CA LEU A 210 3.47 -2.22 9.05
C LEU A 210 2.54 -2.48 7.84
N MET A 211 3.12 -2.81 6.67
CA MET A 211 2.33 -3.12 5.46
C MET A 211 1.51 -4.41 5.70
N ALA A 212 2.10 -5.43 6.34
CA ALA A 212 1.39 -6.69 6.63
C ALA A 212 0.29 -6.48 7.67
N ILE A 213 0.56 -5.67 8.72
CA ILE A 213 -0.42 -5.32 9.76
C ILE A 213 -1.57 -4.61 9.11
N CYS A 214 -1.28 -3.58 8.27
CA CYS A 214 -2.28 -2.83 7.52
C CYS A 214 -3.15 -3.78 6.67
N LEU A 215 -2.52 -4.69 5.91
CA LEU A 215 -3.28 -5.62 5.06
C LEU A 215 -4.15 -6.58 5.86
N LEU A 216 -3.61 -7.12 6.98
CA LEU A 216 -4.38 -8.05 7.80
C LEU A 216 -5.29 -7.38 8.83
N SER A 217 -5.82 -6.17 8.54
CA SER A 217 -6.76 -5.51 9.47
C SER A 217 -8.15 -6.17 9.37
N PRO A 218 -8.70 -6.77 10.46
CA PRO A 218 -10.04 -7.39 10.36
C PRO A 218 -11.23 -6.40 10.26
N ASP A 219 -11.01 -5.14 10.68
CA ASP A 219 -12.05 -4.11 10.68
C ASP A 219 -12.18 -3.44 9.31
N ARG A 220 -12.57 -4.24 8.32
CA ARG A 220 -12.78 -3.80 6.92
C ARG A 220 -14.15 -4.29 6.44
N PRO A 221 -14.85 -3.56 5.56
CA PRO A 221 -16.14 -4.07 5.07
C PRO A 221 -16.00 -5.37 4.25
N GLY A 222 -16.95 -6.29 4.41
CA GLY A 222 -17.01 -7.54 3.66
C GLY A 222 -16.17 -8.70 4.17
N VAL A 223 -15.48 -8.50 5.29
CA VAL A 223 -14.65 -9.56 5.89
C VAL A 223 -15.54 -10.54 6.67
N GLN A 224 -15.32 -11.85 6.51
CA GLN A 224 -16.11 -12.85 7.25
C GLN A 224 -15.35 -13.46 8.43
N ASP A 225 -14.17 -14.06 8.18
CA ASP A 225 -13.44 -14.69 9.27
C ASP A 225 -12.58 -13.65 10.04
N HIS A 226 -13.28 -12.79 10.79
CA HIS A 226 -12.77 -11.71 11.63
C HIS A 226 -11.83 -12.27 12.71
N VAL A 227 -12.24 -13.36 13.41
CA VAL A 227 -11.49 -14.04 14.48
C VAL A 227 -10.09 -14.48 13.97
N ARG A 228 -10.05 -15.16 12.81
CA ARG A 228 -8.80 -15.65 12.22
C ARG A 228 -7.90 -14.50 11.81
N ILE A 229 -8.46 -13.49 11.13
CA ILE A 229 -7.70 -12.34 10.63
C ILE A 229 -7.12 -11.53 11.80
N GLU A 230 -7.91 -11.36 12.88
CA GLU A 230 -7.45 -10.66 14.09
C GLU A 230 -6.30 -11.43 14.78
N ALA A 231 -6.39 -12.78 14.85
CA ALA A 231 -5.32 -13.61 15.43
C ALA A 231 -4.02 -13.43 14.60
N LEU A 232 -4.14 -13.30 13.25
CA LEU A 232 -2.97 -13.08 12.39
C LEU A 232 -2.35 -11.70 12.60
N GLN A 233 -3.22 -10.65 12.73
CA GLN A 233 -2.76 -9.27 12.90
C GLN A 233 -2.11 -9.07 14.27
N ASP A 234 -2.72 -9.64 15.31
CA ASP A 234 -2.24 -9.59 16.69
C ASP A 234 -0.82 -10.15 16.82
N ARG A 235 -0.55 -11.30 16.17
CA ARG A 235 0.74 -11.98 16.17
C ARG A 235 1.77 -11.10 15.46
N LEU A 236 1.36 -10.43 14.35
CA LEU A 236 2.23 -9.50 13.64
C LEU A 236 2.54 -8.27 14.52
N CYS A 237 1.52 -7.69 15.20
CA CYS A 237 1.70 -6.57 16.14
C CYS A 237 2.65 -6.96 17.27
N ASP A 238 2.54 -8.21 17.77
CA ASP A 238 3.45 -8.68 18.82
C ASP A 238 4.90 -8.71 18.33
N VAL A 239 5.17 -9.23 17.11
CA VAL A 239 6.54 -9.30 16.58
C VAL A 239 7.08 -7.88 16.34
N LEU A 240 6.23 -6.93 15.88
CA LEU A 240 6.65 -5.53 15.69
C LEU A 240 7.06 -4.86 17.03
N GLN A 241 6.21 -4.91 18.07
CA GLN A 241 6.53 -4.34 19.39
C GLN A 241 7.83 -4.90 19.93
N ALA A 242 7.98 -6.24 19.88
CA ALA A 242 9.16 -6.96 20.35
C ALA A 242 10.38 -6.53 19.54
N TYR A 243 10.24 -6.46 18.20
CA TYR A 243 11.31 -6.02 17.32
C TYR A 243 11.81 -4.61 17.71
N ILE A 244 10.88 -3.64 17.87
CA ILE A 244 11.23 -2.26 18.21
C ILE A 244 11.98 -2.21 19.53
N ARG A 245 11.44 -2.88 20.55
CA ARG A 245 12.00 -2.92 21.89
C ARG A 245 13.42 -3.50 21.91
N ILE A 246 13.66 -4.60 21.19
CA ILE A 246 14.96 -5.28 21.27
C ILE A 246 15.97 -4.78 20.25
N GLN A 247 15.53 -4.50 19.01
CA GLN A 247 16.39 -4.16 17.90
C GLN A 247 16.47 -2.70 17.48
N HIS A 248 15.51 -1.85 17.90
CA HIS A 248 15.52 -0.46 17.47
C HIS A 248 15.95 0.43 18.61
N PRO A 249 17.20 0.96 18.58
CA PRO A 249 17.64 1.81 19.71
C PRO A 249 16.91 3.14 19.73
N GLY A 250 16.46 3.51 20.93
CA GLY A 250 15.67 4.72 21.17
C GLY A 250 14.27 4.68 20.57
N GLY A 251 13.70 3.48 20.44
CA GLY A 251 12.39 3.29 19.83
C GLY A 251 11.20 3.20 20.76
N ARG A 252 11.32 3.70 22.00
CA ARG A 252 10.28 3.62 23.03
C ARG A 252 8.91 4.21 22.60
N LEU A 253 8.89 5.22 21.71
CA LEU A 253 7.62 5.82 21.29
C LEU A 253 7.21 5.44 19.86
N LEU A 254 8.06 4.65 19.20
CA LEU A 254 7.89 4.26 17.79
C LEU A 254 6.64 3.42 17.51
N TYR A 255 6.35 2.37 18.30
CA TYR A 255 5.18 1.50 18.05
C TYR A 255 3.89 2.31 18.00
N ALA A 256 3.70 3.20 18.99
CA ALA A 256 2.55 4.10 19.12
C ALA A 256 2.46 5.00 17.89
N LYS A 257 3.62 5.52 17.40
CA LYS A 257 3.72 6.35 16.20
C LYS A 257 3.31 5.58 14.93
N MET A 258 3.76 4.33 14.80
CA MET A 258 3.41 3.48 13.64
C MET A 258 1.90 3.14 13.64
N ILE A 259 1.34 2.84 14.84
CA ILE A 259 -0.09 2.56 15.01
C ILE A 259 -0.91 3.79 14.64
N GLN A 260 -0.43 5.01 15.00
CA GLN A 260 -1.09 6.26 14.60
C GLN A 260 -1.11 6.42 13.06
N LYS A 261 0.00 6.05 12.37
CA LYS A 261 0.09 6.08 10.89
C LYS A 261 -0.99 5.21 10.26
N LEU A 262 -1.37 4.10 10.92
CA LEU A 262 -2.46 3.26 10.43
C LEU A 262 -3.79 4.03 10.46
N ALA A 263 -4.01 4.84 11.51
CA ALA A 263 -5.23 5.64 11.62
C ALA A 263 -5.19 6.78 10.60
N ASP A 264 -4.01 7.35 10.31
CA ASP A 264 -3.85 8.41 9.30
C ASP A 264 -4.23 7.83 7.94
N LEU A 265 -3.88 6.55 7.71
CA LEU A 265 -4.17 5.83 6.46
C LEU A 265 -5.66 5.62 6.24
N ARG A 266 -6.44 5.37 7.31
CA ARG A 266 -7.90 5.22 7.19
C ARG A 266 -8.48 6.52 6.66
N SER A 267 -8.00 7.65 7.20
CA SER A 267 -8.42 8.99 6.82
C SER A 267 -8.05 9.28 5.35
N LEU A 268 -6.83 8.88 4.91
CA LEU A 268 -6.37 9.07 3.54
C LEU A 268 -7.17 8.23 2.56
N ASN A 269 -7.56 7.01 2.98
CA ASN A 269 -8.31 6.05 2.20
C ASN A 269 -9.69 6.68 1.90
N GLU A 270 -10.30 7.32 2.92
CA GLU A 270 -11.59 8.00 2.82
C GLU A 270 -11.52 9.10 1.77
N GLU A 271 -10.56 10.01 1.92
CA GLU A 271 -10.34 11.10 1.00
C GLU A 271 -10.06 10.58 -0.41
N HIS A 272 -9.23 9.53 -0.53
CA HIS A 272 -8.94 8.91 -1.81
C HIS A 272 -10.20 8.32 -2.48
N SER A 273 -11.09 7.69 -1.68
CA SER A 273 -12.33 7.10 -2.22
C SER A 273 -13.23 8.16 -2.84
N LYS A 274 -13.27 9.35 -2.22
CA LYS A 274 -14.04 10.49 -2.71
C LYS A 274 -13.45 10.95 -4.05
N GLN A 275 -12.12 11.14 -4.11
CA GLN A 275 -11.41 11.57 -5.30
C GLN A 275 -11.56 10.54 -6.44
N TYR A 276 -11.49 9.24 -6.10
CA TYR A 276 -11.65 8.18 -7.09
C TYR A 276 -13.06 8.15 -7.68
N ARG A 277 -14.07 8.36 -6.84
CA ARG A 277 -15.48 8.41 -7.23
C ARG A 277 -15.65 9.57 -8.23
N SER A 278 -15.03 10.74 -7.96
CA SER A 278 -15.09 11.90 -8.84
C SER A 278 -14.56 11.61 -10.25
N LEU A 279 -13.44 10.86 -10.37
CA LEU A 279 -12.91 10.54 -11.71
C LEU A 279 -13.63 9.35 -12.34
N SER A 280 -13.94 8.32 -11.55
CA SER A 280 -14.61 7.13 -12.07
C SER A 280 -16.06 7.41 -12.55
N PHE A 281 -16.70 8.49 -12.05
CA PHE A 281 -18.05 8.85 -12.48
C PHE A 281 -18.04 9.60 -13.83
N GLN A 282 -16.86 10.10 -14.26
CA GLN A 282 -16.66 10.80 -15.55
C GLN A 282 -16.09 9.73 -16.49
N PRO A 283 -16.93 9.15 -17.39
CA PRO A 283 -16.43 8.08 -18.30
C PRO A 283 -15.24 8.46 -19.16
N GLU A 284 -15.06 9.76 -19.51
CA GLU A 284 -13.89 10.17 -20.28
C GLU A 284 -12.60 9.99 -19.49
N HIS A 285 -12.71 9.95 -18.14
CA HIS A 285 -11.58 9.74 -17.25
C HIS A 285 -11.48 8.28 -16.83
N SER A 286 -12.61 7.63 -16.50
CA SER A 286 -12.58 6.22 -16.11
C SER A 286 -12.06 5.32 -17.25
N MET A 287 -12.31 5.73 -18.53
CA MET A 287 -11.78 5.00 -19.68
C MET A 287 -10.21 4.99 -19.74
N GLN A 288 -9.56 5.93 -19.02
CA GLN A 288 -8.09 6.01 -18.98
C GLN A 288 -7.51 5.09 -17.89
N LEU A 289 -8.38 4.51 -17.06
CA LEU A 289 -7.94 3.60 -16.00
C LEU A 289 -7.69 2.19 -16.57
N THR A 290 -7.20 1.24 -15.79
CA THR A 290 -6.96 -0.09 -16.34
C THR A 290 -8.07 -0.99 -15.79
N PRO A 291 -8.33 -2.18 -16.40
CA PRO A 291 -9.32 -3.10 -15.79
C PRO A 291 -9.01 -3.52 -14.34
N LEU A 292 -7.71 -3.70 -13.98
CA LEU A 292 -7.39 -4.08 -12.57
C LEU A 292 -7.71 -2.96 -11.55
N VAL A 293 -7.46 -1.68 -11.89
CA VAL A 293 -7.79 -0.52 -11.03
C VAL A 293 -9.33 -0.47 -10.84
N LEU A 294 -10.09 -0.64 -11.94
CA LEU A 294 -11.56 -0.64 -11.90
C LEU A 294 -12.09 -1.76 -10.98
N GLU A 295 -11.48 -2.95 -11.02
CA GLU A 295 -11.90 -4.06 -10.13
C GLU A 295 -11.61 -3.77 -8.66
N VAL A 296 -10.36 -3.44 -8.35
CA VAL A 296 -9.86 -3.27 -6.98
C VAL A 296 -10.39 -1.99 -6.28
N PHE A 297 -10.52 -0.86 -7.00
CA PHE A 297 -11.01 0.38 -6.39
C PHE A 297 -12.54 0.47 -6.59
N GLY A 298 -13.12 -0.47 -7.32
CA GLY A 298 -14.54 -0.52 -7.59
C GLY A 298 -15.33 -0.87 -6.35
N SER A 299 -16.66 -0.77 -6.43
CA SER A 299 -17.54 -1.01 -5.29
C SER A 299 -18.24 -2.36 -5.28
N GLU A 300 -17.92 -3.26 -6.25
CA GLU A 300 -18.54 -4.60 -6.27
C GLU A 300 -18.29 -5.38 -4.99
N VAL A 301 -19.28 -6.18 -4.58
CA VAL A 301 -19.25 -6.97 -3.35
C VAL A 301 -19.30 -8.46 -3.70
N SER A 302 -18.37 -9.23 -3.14
CA SER A 302 -18.28 -10.68 -3.34
C SER A 302 -19.00 -11.43 -2.22
N ARG B 1 -17.59 -12.27 -10.98
CA ARG B 1 -17.11 -11.07 -10.28
C ARG B 1 -15.61 -11.17 -9.95
N HIS B 2 -14.89 -10.04 -9.93
CA HIS B 2 -13.45 -9.94 -9.59
C HIS B 2 -12.60 -10.97 -10.37
N LYS B 3 -12.87 -11.07 -11.68
CA LYS B 3 -12.23 -11.98 -12.61
C LYS B 3 -10.68 -11.90 -12.51
N ILE B 4 -10.11 -10.69 -12.61
CA ILE B 4 -8.66 -10.48 -12.54
C ILE B 4 -8.10 -10.81 -11.17
N LEU B 5 -8.76 -10.29 -10.10
CA LEU B 5 -8.38 -10.55 -8.72
C LEU B 5 -8.35 -12.05 -8.42
N HIS B 6 -9.41 -12.83 -8.83
CA HIS B 6 -9.38 -14.29 -8.60
C HIS B 6 -8.16 -14.93 -9.25
N ARG B 7 -7.88 -14.58 -10.53
CA ARG B 7 -6.74 -15.13 -11.26
C ARG B 7 -5.40 -14.79 -10.61
N LEU B 8 -5.17 -13.52 -10.25
CA LEU B 8 -3.92 -13.11 -9.61
C LEU B 8 -3.74 -13.74 -8.22
N LEU B 9 -4.85 -14.11 -7.55
CA LEU B 9 -4.77 -14.75 -6.22
C LEU B 9 -4.57 -16.28 -6.27
N GLN B 10 -4.64 -16.88 -7.46
CA GLN B 10 -4.46 -18.33 -7.64
C GLN B 10 -3.04 -18.79 -7.34
N GLU B 11 -2.93 -19.98 -6.69
CA GLU B 11 -1.72 -20.67 -6.23
C GLU B 11 -0.74 -19.76 -5.50
#